data_5SW1
#
_entry.id   5SW1
#
_cell.length_a   52.368
_cell.length_b   52.527
_cell.length_c   71.026
_cell.angle_alpha   90.00
_cell.angle_beta   90.00
_cell.angle_gamma   90.00
#
_symmetry.space_group_name_H-M   'P 21 21 21'
#
loop_
_entity.id
_entity.type
_entity.pdbx_description
1 polymer 'Thaumatin I'
2 non-polymer '(CARBAMOYLMETHYL-CARBOXYMETHYL-AMINO)-ACETIC ACID'
3 water water
#
_entity_poly.entity_id   1
_entity_poly.type   'polypeptide(L)'
_entity_poly.pdbx_seq_one_letter_code
;ATFEIVNRCSYTVWAAASKGDAALDAGGRQLNSGESWTINVEPGTNGGKIWARTDCYFDDSGSGICKTGDCGGLLRCKRF
GRPPTTLAEFSLNQYGKDYIDISNIKGFNVPMDFSPTTRGCRGVRCAADIVGQCPAKLKAPGGGCNDACTVFQTSEYCCT
TGKCGPTEYSRFFKRLCPDAFSYVLDKPTTVTCPGSSNYRVTFCPTA
;
_entity_poly.pdbx_strand_id   A
#
loop_
_chem_comp.id
_chem_comp.type
_chem_comp.name
_chem_comp.formula
MHA non-polymer '(CARBAMOYLMETHYL-CARBOXYMETHYL-AMINO)-ACETIC ACID' 'C6 H10 N2 O5'
#
# COMPACT_ATOMS: atom_id res chain seq x y z
N ALA A 1 -1.80 14.46 11.75
CA ALA A 1 -2.78 14.23 10.70
C ALA A 1 -3.49 12.94 10.97
N THR A 2 -4.77 12.87 10.63
CA THR A 2 -5.46 11.62 10.81
C THR A 2 -5.60 10.89 9.47
N PHE A 3 -5.48 9.58 9.58
CA PHE A 3 -5.73 8.64 8.49
C PHE A 3 -6.80 7.68 8.98
N GLU A 4 -7.98 7.76 8.38
CA GLU A 4 -9.06 6.85 8.69
C GLU A 4 -8.94 5.64 7.78
N ILE A 5 -8.64 4.48 8.36
CA ILE A 5 -8.42 3.26 7.61
C ILE A 5 -9.66 2.39 7.74
N VAL A 6 -10.30 2.11 6.61
CA VAL A 6 -11.63 1.51 6.57
C VAL A 6 -11.60 0.20 5.79
N ASN A 7 -12.02 -0.90 6.42
CA ASN A 7 -12.07 -2.18 5.72
C ASN A 7 -13.47 -2.48 5.23
N ARG A 8 -13.68 -2.38 3.92
CA ARG A 8 -14.96 -2.76 3.32
C ARG A 8 -14.88 -4.10 2.60
N CYS A 9 -13.75 -4.81 2.73
CA CYS A 9 -13.64 -6.14 2.15
C CYS A 9 -14.50 -7.13 2.92
N SER A 10 -14.79 -8.28 2.31
CA SER A 10 -15.56 -9.31 2.98
C SER A 10 -14.75 -10.02 4.05
N TYR A 11 -13.43 -9.92 3.93
CA TYR A 11 -12.46 -10.58 4.78
C TYR A 11 -11.80 -9.59 5.72
N THR A 12 -11.32 -10.11 6.83
CA THR A 12 -10.47 -9.37 7.74
C THR A 12 -9.19 -8.91 7.05
N VAL A 13 -8.79 -7.68 7.31
N VAL A 13 -8.80 -7.68 7.38
CA VAL A 13 -7.44 -7.29 6.99
CA VAL A 13 -7.53 -7.08 6.98
C VAL A 13 -6.78 -6.85 8.29
C VAL A 13 -6.74 -6.63 8.22
N TRP A 14 -5.48 -7.05 8.34
CA TRP A 14 -4.67 -6.56 9.44
C TRP A 14 -3.95 -5.35 8.86
N ALA A 15 -4.50 -4.17 9.16
CA ALA A 15 -3.92 -2.94 8.66
C ALA A 15 -2.54 -2.74 9.26
N ALA A 16 -1.68 -2.06 8.51
CA ALA A 16 -0.31 -1.80 8.90
C ALA A 16 0.04 -0.37 8.55
N ALA A 17 0.86 0.27 9.38
CA ALA A 17 1.29 1.64 9.15
C ALA A 17 2.70 1.80 9.71
N SER A 18 3.65 2.18 8.85
CA SER A 18 5.04 2.24 9.24
C SER A 18 5.77 3.27 8.38
N LYS A 19 6.89 3.77 8.90
CA LYS A 19 7.77 4.56 8.05
C LYS A 19 9.09 3.83 7.81
N GLY A 20 9.09 2.53 8.05
CA GLY A 20 10.20 1.68 7.64
C GLY A 20 11.13 1.29 8.77
N ASP A 21 11.41 2.25 9.64
CA ASP A 21 12.24 2.00 10.81
C ASP A 21 11.46 2.21 12.09
N ALA A 22 10.17 2.44 11.98
CA ALA A 22 9.32 2.65 13.14
C ALA A 22 7.87 2.52 12.75
N ALA A 23 7.05 2.10 13.70
CA ALA A 23 5.60 2.16 13.56
C ALA A 23 5.11 3.57 13.40
N LEU A 24 4.01 3.72 12.67
CA LEU A 24 3.18 4.92 12.77
C LEU A 24 2.02 4.56 13.68
N ASP A 25 1.77 5.39 14.68
CA ASP A 25 0.72 5.09 15.66
C ASP A 25 1.01 3.70 16.22
N ALA A 26 0.00 2.86 16.39
CA ALA A 26 0.23 1.53 16.94
C ALA A 26 0.88 0.56 15.95
N GLY A 27 0.99 0.93 14.68
CA GLY A 27 1.69 0.09 13.71
C GLY A 27 0.85 -0.97 13.02
N GLY A 28 -0.14 -1.51 13.72
CA GLY A 28 -1.01 -2.47 13.10
C GLY A 28 -2.23 -2.72 13.95
N ARG A 29 -3.30 -3.20 13.31
CA ARG A 29 -4.53 -3.54 14.00
C ARG A 29 -5.37 -4.45 13.12
N GLN A 30 -6.01 -5.43 13.75
CA GLN A 30 -6.97 -6.28 13.05
C GLN A 30 -8.26 -5.52 12.77
N LEU A 31 -8.66 -5.50 11.50
CA LEU A 31 -9.93 -4.91 11.09
C LEU A 31 -10.80 -5.97 10.45
N ASN A 32 -11.77 -6.48 11.20
CA ASN A 32 -12.73 -7.37 10.58
C ASN A 32 -13.56 -6.58 9.57
N SER A 33 -14.27 -7.30 8.70
CA SER A 33 -15.08 -6.67 7.67
C SER A 33 -15.98 -5.59 8.27
N GLY A 34 -15.89 -4.38 7.73
CA GLY A 34 -16.71 -3.28 8.18
C GLY A 34 -16.09 -2.41 9.25
N GLU A 35 -14.95 -2.81 9.79
CA GLU A 35 -14.32 -2.05 10.86
C GLU A 35 -13.39 -0.97 10.33
N SER A 36 -13.21 0.07 11.13
N SER A 36 -13.21 0.07 11.14
CA SER A 36 -12.34 1.19 10.82
CA SER A 36 -12.34 1.17 10.80
C SER A 36 -11.35 1.41 11.95
C SER A 36 -11.40 1.49 11.96
N TRP A 37 -10.27 2.09 11.62
CA TRP A 37 -9.21 2.42 12.57
C TRP A 37 -8.67 3.77 12.19
N THR A 38 -8.77 4.75 13.08
CA THR A 38 -8.20 6.06 12.78
C THR A 38 -6.89 6.24 13.50
N ILE A 39 -5.83 6.47 12.73
CA ILE A 39 -4.52 6.68 13.31
C ILE A 39 -4.11 8.13 13.18
N ASN A 40 -3.18 8.51 14.03
CA ASN A 40 -2.54 9.80 13.93
C ASN A 40 -1.13 9.64 13.42
N VAL A 41 -0.80 10.37 12.36
CA VAL A 41 0.54 10.42 11.84
C VAL A 41 1.09 11.81 12.14
N GLU A 42 2.27 11.87 12.72
CA GLU A 42 2.80 13.15 13.13
C GLU A 42 3.11 14.05 11.94
N PRO A 43 2.82 15.35 12.08
CA PRO A 43 3.21 16.27 11.00
C PRO A 43 4.71 16.18 10.73
N GLY A 44 5.07 16.36 9.47
CA GLY A 44 6.47 16.32 9.08
C GLY A 44 6.99 14.93 8.73
N THR A 45 6.19 13.90 8.97
CA THR A 45 6.60 12.53 8.68
C THR A 45 6.85 12.32 7.20
N ASN A 46 8.00 11.75 6.84
CA ASN A 46 8.25 11.40 5.45
C ASN A 46 8.40 9.88 5.31
N GLY A 47 8.03 9.39 4.13
CA GLY A 47 8.20 7.97 3.83
C GLY A 47 7.27 7.05 4.57
N GLY A 48 6.08 7.54 4.93
CA GLY A 48 5.07 6.71 5.55
C GLY A 48 4.34 5.84 4.56
N LYS A 49 3.92 4.66 5.01
CA LYS A 49 3.13 3.76 4.21
C LYS A 49 2.06 3.09 5.04
N ILE A 50 0.91 2.87 4.41
CA ILE A 50 -0.19 2.09 4.96
C ILE A 50 -0.51 0.97 3.97
N TRP A 51 -0.75 -0.23 4.49
CA TRP A 51 -1.13 -1.35 3.64
C TRP A 51 -2.01 -2.32 4.41
N ALA A 52 -2.65 -3.20 3.65
CA ALA A 52 -3.42 -4.32 4.17
C ALA A 52 -2.56 -5.57 4.21
N ARG A 53 -2.75 -6.36 5.26
CA ARG A 53 -2.21 -7.70 5.34
C ARG A 53 -3.37 -8.65 5.37
N THR A 54 -3.28 -9.75 4.61
CA THR A 54 -4.35 -10.73 4.60
C THR A 54 -3.91 -12.02 5.26
N ASP A 55 -4.92 -12.69 5.80
CA ASP A 55 -4.85 -13.98 6.47
C ASP A 55 -3.64 -14.11 7.38
N CYS A 56 -3.79 -13.50 8.55
CA CYS A 56 -2.76 -13.49 9.57
C CYS A 56 -3.08 -14.44 10.70
N TYR A 57 -2.01 -14.84 11.39
CA TYR A 57 -2.02 -15.81 12.47
C TYR A 57 -1.09 -15.30 13.55
N PHE A 58 -1.65 -14.67 14.59
CA PHE A 58 -0.86 -14.06 15.65
C PHE A 58 -1.15 -14.67 17.01
N ASP A 59 -0.12 -14.86 17.82
CA ASP A 59 -0.34 -15.28 19.20
C ASP A 59 -0.75 -14.08 20.06
N ASP A 60 -0.97 -14.32 21.34
CA ASP A 60 -1.46 -13.26 22.22
C ASP A 60 -0.48 -12.10 22.36
N SER A 61 0.81 -12.39 22.15
CA SER A 61 1.83 -11.35 22.26
C SER A 61 1.99 -10.53 20.98
N GLY A 62 1.28 -10.92 19.92
CA GLY A 62 1.35 -10.21 18.66
C GLY A 62 2.43 -10.68 17.71
N SER A 63 2.84 -11.94 17.84
N SER A 63 2.83 -11.95 17.85
CA SER A 63 3.84 -12.51 16.95
CA SER A 63 3.83 -12.55 16.99
C SER A 63 3.27 -13.69 16.19
C SER A 63 3.21 -13.67 16.17
N GLY A 64 3.64 -13.79 14.91
CA GLY A 64 3.12 -14.84 14.05
C GLY A 64 3.46 -14.58 12.60
N ILE A 65 2.47 -14.67 11.71
CA ILE A 65 2.72 -14.47 10.29
C ILE A 65 1.46 -14.08 9.55
N CYS A 66 1.64 -13.38 8.43
CA CYS A 66 0.55 -13.06 7.49
C CYS A 66 0.84 -13.64 6.11
N LYS A 67 -0.22 -14.04 5.40
CA LYS A 67 -0.09 -14.54 4.03
C LYS A 67 0.41 -13.48 3.05
N THR A 68 -0.03 -12.23 3.23
CA THR A 68 0.53 -11.13 2.45
C THR A 68 0.88 -9.98 3.38
N GLY A 69 1.96 -9.28 3.04
CA GLY A 69 2.32 -8.06 3.73
C GLY A 69 2.94 -8.20 5.11
N ASP A 70 3.41 -9.40 5.45
CA ASP A 70 3.99 -9.61 6.77
C ASP A 70 5.14 -8.65 7.07
N CYS A 71 5.17 -8.11 8.29
CA CYS A 71 6.21 -7.19 8.72
C CYS A 71 7.00 -7.81 9.88
N GLY A 72 7.97 -8.67 9.57
CA GLY A 72 8.80 -9.27 10.59
C GLY A 72 8.01 -10.08 11.61
N GLY A 73 6.88 -10.63 11.18
CA GLY A 73 6.07 -11.49 12.03
C GLY A 73 5.34 -10.79 13.15
N LEU A 74 5.16 -9.48 13.07
CA LEU A 74 4.51 -8.73 14.13
C LEU A 74 3.12 -8.23 13.75
N LEU A 75 2.22 -8.22 14.72
CA LEU A 75 0.94 -7.53 14.56
C LEU A 75 1.15 -6.03 14.40
N ARG A 76 1.97 -5.47 15.29
N ARG A 76 1.93 -5.48 15.33
CA ARG A 76 2.19 -4.04 15.30
CA ARG A 76 2.25 -4.06 15.32
C ARG A 76 3.47 -3.69 14.55
C ARG A 76 3.50 -3.86 14.50
N CYS A 77 3.33 -3.41 13.26
CA CYS A 77 4.46 -3.24 12.36
C CYS A 77 5.37 -2.11 12.74
N LYS A 78 6.66 -2.43 12.76
CA LYS A 78 7.69 -1.43 12.88
C LYS A 78 8.30 -1.20 11.50
N ARG A 79 8.40 -2.25 10.70
CA ARG A 79 9.03 -2.15 9.39
C ARG A 79 8.04 -2.42 8.29
N PHE A 80 8.50 -2.34 7.05
CA PHE A 80 7.63 -2.53 5.90
C PHE A 80 7.29 -4.00 5.67
N GLY A 81 6.27 -4.23 4.87
CA GLY A 81 5.73 -5.56 4.68
C GLY A 81 6.24 -6.29 3.46
N ARG A 82 6.17 -7.61 3.53
N ARG A 82 6.21 -7.62 3.54
CA ARG A 82 6.58 -8.46 2.43
CA ARG A 82 6.60 -8.46 2.41
C ARG A 82 5.60 -8.37 1.26
C ARG A 82 5.61 -8.33 1.27
N PRO A 83 6.12 -8.18 0.04
CA PRO A 83 5.24 -8.22 -1.13
C PRO A 83 4.47 -9.55 -1.17
N PRO A 84 3.28 -9.56 -1.78
CA PRO A 84 2.65 -8.46 -2.51
C PRO A 84 1.80 -7.57 -1.62
N THR A 85 1.96 -6.26 -1.79
CA THR A 85 1.23 -5.28 -0.99
C THR A 85 0.87 -4.04 -1.79
N THR A 86 -0.41 -3.77 -1.99
CA THR A 86 -0.82 -2.46 -2.50
C THR A 86 -0.42 -1.42 -1.45
N LEU A 87 0.22 -0.32 -1.85
CA LEU A 87 0.75 0.65 -0.89
C LEU A 87 0.13 2.03 -1.01
N ALA A 88 -0.34 2.56 0.10
CA ALA A 88 -0.64 3.97 0.26
C ALA A 88 0.61 4.64 0.82
N GLU A 89 1.15 5.62 0.11
CA GLU A 89 2.43 6.22 0.47
C GLU A 89 2.27 7.71 0.66
N PHE A 90 2.96 8.27 1.64
CA PHE A 90 2.79 9.67 1.95
C PHE A 90 3.98 10.27 2.68
N SER A 91 4.22 11.54 2.37
CA SER A 91 5.12 12.39 3.13
C SER A 91 4.38 13.68 3.41
N LEU A 92 4.41 14.11 4.67
CA LEU A 92 3.58 15.21 5.14
C LEU A 92 4.41 16.44 5.47
N ASN A 93 3.89 17.62 5.17
CA ASN A 93 4.53 18.88 5.56
C ASN A 93 5.97 18.98 5.05
N GLN A 94 6.16 18.63 3.77
CA GLN A 94 7.45 18.81 3.12
C GLN A 94 7.37 20.13 2.37
N TYR A 95 8.09 21.13 2.87
CA TYR A 95 8.02 22.50 2.37
C TYR A 95 6.58 22.92 2.06
N GLY A 96 5.72 22.80 3.06
CA GLY A 96 4.38 23.34 3.00
C GLY A 96 3.32 22.48 2.38
N LYS A 97 3.70 21.30 1.87
CA LYS A 97 2.77 20.44 1.13
C LYS A 97 2.83 19.01 1.61
N ASP A 98 1.75 18.28 1.36
CA ASP A 98 1.71 16.84 1.56
C ASP A 98 1.79 16.17 0.18
N TYR A 99 2.37 14.97 0.13
CA TYR A 99 2.55 14.22 -1.12
C TYR A 99 2.03 12.81 -0.92
N ILE A 100 1.03 12.41 -1.70
CA ILE A 100 0.44 11.08 -1.56
C ILE A 100 0.45 10.33 -2.88
N ASP A 101 0.50 9.00 -2.79
CA ASP A 101 0.39 8.18 -3.97
C ASP A 101 -0.04 6.78 -3.59
N ILE A 102 -0.46 6.01 -4.60
CA ILE A 102 -0.56 4.57 -4.46
C ILE A 102 0.52 3.95 -5.33
N SER A 103 1.10 2.86 -4.83
CA SER A 103 2.14 2.14 -5.53
C SER A 103 1.90 0.66 -5.61
N ASN A 104 2.17 0.12 -6.81
CA ASN A 104 2.23 -1.32 -7.09
C ASN A 104 3.67 -1.80 -7.28
N ILE A 105 4.65 -0.99 -6.88
CA ILE A 105 6.06 -1.37 -7.00
C ILE A 105 6.38 -2.65 -6.22
N LYS A 106 5.68 -2.86 -5.11
N LYS A 106 5.66 -2.86 -5.12
CA LYS A 106 5.83 -4.09 -4.34
CA LYS A 106 5.82 -4.07 -4.31
C LYS A 106 4.59 -4.97 -4.48
C LYS A 106 4.62 -5.00 -4.50
N GLY A 107 3.98 -4.91 -5.66
CA GLY A 107 2.86 -5.77 -6.00
C GLY A 107 1.53 -5.27 -5.48
N PHE A 108 0.53 -6.13 -5.59
CA PHE A 108 -0.84 -5.81 -5.28
C PHE A 108 -1.46 -6.95 -4.50
N ASN A 109 -2.17 -6.64 -3.42
CA ASN A 109 -2.93 -7.67 -2.73
C ASN A 109 -4.40 -7.31 -2.57
N VAL A 110 -4.69 -6.11 -2.10
CA VAL A 110 -6.03 -5.68 -1.77
C VAL A 110 -6.34 -4.36 -2.50
N PRO A 111 -7.53 -4.23 -3.09
CA PRO A 111 -7.89 -2.97 -3.75
C PRO A 111 -8.01 -1.84 -2.74
N MET A 112 -7.62 -0.64 -3.18
CA MET A 112 -7.41 0.47 -2.28
C MET A 112 -7.86 1.80 -2.88
N ASP A 113 -8.54 2.61 -2.08
CA ASP A 113 -8.74 4.03 -2.37
C ASP A 113 -8.01 4.84 -1.31
N PHE A 114 -7.30 5.88 -1.74
CA PHE A 114 -6.54 6.74 -0.84
C PHE A 114 -6.93 8.17 -1.17
N SER A 115 -7.75 8.77 -0.32
CA SER A 115 -8.34 10.06 -0.61
C SER A 115 -8.13 11.06 0.51
N PRO A 116 -7.91 12.33 0.15
N PRO A 116 -7.79 12.29 0.14
CA PRO A 116 -7.91 13.39 1.16
CA PRO A 116 -7.73 13.41 1.09
C PRO A 116 -9.32 13.68 1.66
C PRO A 116 -9.12 13.83 1.52
N THR A 117 -9.43 14.31 2.82
N THR A 117 -9.29 14.20 2.78
CA THR A 117 -10.74 14.74 3.31
CA THR A 117 -10.57 14.69 3.25
C THR A 117 -11.10 16.14 2.80
C THR A 117 -10.61 16.22 3.18
N THR A 118 -10.21 16.75 2.04
CA THR A 118 -10.37 18.14 1.64
C THR A 118 -10.69 18.20 0.17
N ARG A 119 -11.36 19.27 -0.26
CA ARG A 119 -11.57 19.52 -1.68
C ARG A 119 -10.29 19.96 -2.39
N GLY A 120 -9.26 20.29 -1.62
CA GLY A 120 -8.07 20.91 -2.16
C GLY A 120 -7.13 20.04 -2.97
N CYS A 121 -7.39 18.74 -3.03
CA CYS A 121 -6.63 17.86 -3.90
C CYS A 121 -7.45 16.60 -4.14
N ARG A 122 -7.05 15.81 -5.12
N ARG A 122 -7.03 15.80 -5.11
CA ARG A 122 -7.80 14.62 -5.50
CA ARG A 122 -7.76 14.62 -5.54
C ARG A 122 -7.30 13.39 -4.77
C ARG A 122 -7.25 13.34 -4.87
N GLY A 123 -8.10 12.33 -4.83
CA GLY A 123 -7.68 11.03 -4.34
C GLY A 123 -7.14 10.17 -5.46
N VAL A 124 -6.69 8.99 -5.05
N VAL A 124 -6.66 8.99 -5.10
CA VAL A 124 -6.10 7.97 -5.90
CA VAL A 124 -6.21 8.02 -6.08
C VAL A 124 -6.83 6.66 -5.64
C VAL A 124 -6.72 6.64 -5.66
N ARG A 125 -6.96 5.80 -6.65
CA ARG A 125 -7.52 4.49 -6.45
C ARG A 125 -6.83 3.44 -7.30
N CYS A 126 -6.58 2.28 -6.71
CA CYS A 126 -6.20 1.10 -7.49
C CYS A 126 -7.09 -0.02 -7.04
N ALA A 127 -8.13 -0.28 -7.82
N ALA A 127 -8.18 -0.17 -7.78
CA ALA A 127 -9.12 -1.27 -7.40
CA ALA A 127 -9.19 -1.18 -7.51
C ALA A 127 -9.55 -2.24 -8.51
C ALA A 127 -9.65 -1.76 -8.84
N ALA A 128 -8.72 -2.41 -9.52
CA ALA A 128 -9.05 -3.27 -10.63
C ALA A 128 -8.80 -4.75 -10.27
N ASP A 129 -9.24 -5.69 -11.10
N ASP A 129 -9.18 -5.62 -11.22
CA ASP A 129 -9.08 -7.09 -10.74
CA ASP A 129 -9.10 -7.07 -11.15
C ASP A 129 -7.72 -7.63 -11.14
C ASP A 129 -7.64 -7.59 -11.30
N ILE A 130 -6.72 -7.11 -10.47
CA ILE A 130 -5.32 -7.45 -10.68
C ILE A 130 -5.01 -8.91 -10.33
N VAL A 131 -5.58 -9.43 -9.24
CA VAL A 131 -5.26 -10.80 -8.88
C VAL A 131 -5.83 -11.79 -9.91
N GLY A 132 -7.05 -11.55 -10.40
CA GLY A 132 -7.65 -12.41 -11.40
C GLY A 132 -6.94 -12.41 -12.75
N GLN A 133 -6.30 -11.28 -13.07
CA GLN A 133 -5.61 -11.14 -14.36
C GLN A 133 -4.11 -11.38 -14.25
N CYS A 134 -3.61 -11.58 -13.04
CA CYS A 134 -2.18 -11.67 -12.77
C CYS A 134 -1.49 -12.70 -13.65
N PRO A 135 -0.43 -12.31 -14.38
CA PRO A 135 0.32 -13.29 -15.17
C PRO A 135 0.84 -14.43 -14.29
N ALA A 136 0.86 -15.64 -14.82
CA ALA A 136 1.20 -16.82 -14.03
C ALA A 136 2.51 -16.65 -13.24
N LYS A 137 3.52 -16.07 -13.87
CA LYS A 137 4.81 -15.98 -13.21
C LYS A 137 4.82 -15.00 -12.03
N LEU A 138 3.85 -14.09 -11.99
CA LEU A 138 3.72 -13.13 -10.89
C LEU A 138 2.74 -13.56 -9.81
N LYS A 139 2.00 -14.63 -10.02
CA LYS A 139 1.02 -15.03 -9.02
C LYS A 139 1.68 -15.37 -7.71
N ALA A 140 1.11 -14.83 -6.64
CA ALA A 140 1.55 -15.15 -5.30
C ALA A 140 0.61 -16.19 -4.70
N PRO A 141 1.15 -17.35 -4.31
CA PRO A 141 0.28 -18.41 -3.78
C PRO A 141 -0.48 -18.00 -2.53
N GLY A 142 0.02 -17.03 -1.77
CA GLY A 142 -0.68 -16.55 -0.59
C GLY A 142 -1.81 -15.59 -0.88
N GLY A 143 -2.04 -15.36 -2.16
N GLY A 143 -1.99 -15.20 -2.14
CA GLY A 143 -2.97 -14.35 -2.58
CA GLY A 143 -3.10 -14.32 -2.52
C GLY A 143 -2.11 -13.22 -3.11
C GLY A 143 -2.75 -12.88 -2.86
N GLY A 144 -2.61 -12.58 -4.14
CA GLY A 144 -2.01 -11.34 -4.58
C GLY A 144 -1.20 -11.56 -5.83
N CYS A 145 -0.63 -10.47 -6.32
CA CYS A 145 0.14 -10.45 -7.54
C CYS A 145 1.46 -9.77 -7.26
N ASN A 146 2.54 -10.52 -7.31
CA ASN A 146 3.87 -9.97 -7.08
C ASN A 146 4.30 -9.02 -8.16
N ASP A 147 5.09 -8.03 -7.78
CA ASP A 147 5.87 -7.27 -8.75
C ASP A 147 7.01 -8.11 -9.30
N ALA A 148 7.52 -7.71 -10.46
CA ALA A 148 8.57 -8.48 -11.12
C ALA A 148 9.91 -8.39 -10.39
N CYS A 149 10.17 -7.31 -9.66
CA CYS A 149 11.43 -7.22 -8.91
C CYS A 149 11.47 -8.33 -7.86
N THR A 150 10.40 -8.47 -7.10
CA THR A 150 10.30 -9.53 -6.10
C THR A 150 10.56 -10.90 -6.71
N VAL A 151 9.96 -11.15 -7.88
CA VAL A 151 10.05 -12.47 -8.48
C VAL A 151 11.41 -12.74 -9.12
N PHE A 152 11.93 -11.78 -9.88
CA PHE A 152 13.10 -12.04 -10.71
C PHE A 152 14.42 -11.48 -10.17
N GLN A 153 14.35 -10.44 -9.34
CA GLN A 153 15.54 -9.93 -8.65
C GLN A 153 16.68 -9.57 -9.61
N THR A 154 16.34 -8.83 -10.66
CA THR A 154 17.32 -8.27 -11.59
C THR A 154 17.08 -6.78 -11.73
N SER A 155 18.09 -6.04 -12.17
CA SER A 155 17.97 -4.58 -12.25
C SER A 155 16.94 -4.15 -13.29
N GLU A 156 16.72 -4.98 -14.31
CA GLU A 156 15.70 -4.70 -15.30
C GLU A 156 14.37 -4.38 -14.62
N TYR A 157 14.11 -5.10 -13.53
CA TYR A 157 12.86 -4.96 -12.81
C TYR A 157 12.99 -4.19 -11.50
N CYS A 158 14.18 -4.23 -10.89
CA CYS A 158 14.37 -3.65 -9.56
C CYS A 158 14.94 -2.25 -9.59
N CYS A 159 15.45 -1.82 -10.75
N CYS A 159 15.44 -1.86 -10.75
CA CYS A 159 15.94 -0.45 -10.94
CA CYS A 159 15.98 -0.52 -10.98
C CYS A 159 17.07 -0.09 -9.96
C CYS A 159 17.02 -0.13 -9.95
N THR A 160 18.02 -1.00 -9.81
CA THR A 160 19.09 -0.82 -8.84
C THR A 160 20.33 -0.18 -9.47
N THR A 161 20.46 -0.31 -10.80
CA THR A 161 21.56 0.28 -11.56
C THR A 161 21.02 0.95 -12.82
N GLY A 162 21.75 1.95 -13.32
CA GLY A 162 21.41 2.58 -14.58
C GLY A 162 20.06 3.27 -14.59
N LYS A 163 19.34 3.14 -15.71
CA LYS A 163 18.01 3.72 -15.84
C LYS A 163 17.02 2.68 -16.37
N CYS A 164 16.35 2.01 -15.45
CA CYS A 164 15.34 1.02 -15.82
C CYS A 164 14.19 1.69 -16.53
N GLY A 165 13.45 0.91 -17.31
CA GLY A 165 12.28 1.40 -18.01
C GLY A 165 11.12 0.46 -17.81
N PRO A 166 9.98 0.76 -18.46
CA PRO A 166 8.83 -0.14 -18.35
C PRO A 166 9.14 -1.51 -18.95
N THR A 167 8.45 -2.51 -18.43
CA THR A 167 8.59 -3.89 -18.86
C THR A 167 7.20 -4.47 -19.08
N GLU A 168 7.12 -5.69 -19.59
CA GLU A 168 5.82 -6.32 -19.73
C GLU A 168 5.13 -6.43 -18.38
N TYR A 169 5.91 -6.63 -17.31
CA TYR A 169 5.32 -6.79 -15.99
C TYR A 169 4.91 -5.46 -15.36
N SER A 170 5.65 -4.39 -15.59
CA SER A 170 5.18 -3.11 -15.09
C SER A 170 3.93 -2.66 -15.87
N ARG A 171 3.92 -2.91 -17.17
N ARG A 171 3.92 -2.91 -17.17
CA ARG A 171 2.79 -2.49 -17.99
CA ARG A 171 2.79 -2.52 -18.00
C ARG A 171 1.51 -3.22 -17.59
C ARG A 171 1.50 -3.23 -17.61
N PHE A 172 1.63 -4.46 -17.12
CA PHE A 172 0.48 -5.19 -16.59
C PHE A 172 -0.21 -4.38 -15.50
N PHE A 173 0.56 -3.93 -14.51
CA PHE A 173 -0.01 -3.16 -13.42
C PHE A 173 -0.48 -1.78 -13.91
N LYS A 174 0.30 -1.17 -14.80
CA LYS A 174 0.03 0.21 -15.19
C LYS A 174 -1.27 0.36 -15.96
N ARG A 175 -1.57 -0.59 -16.85
CA ARG A 175 -2.83 -0.50 -17.58
C ARG A 175 -4.02 -0.70 -16.64
N LEU A 176 -3.87 -1.61 -15.68
CA LEU A 176 -4.97 -1.85 -14.74
C LEU A 176 -5.16 -0.70 -13.77
N CYS A 177 -4.06 -0.06 -13.34
CA CYS A 177 -4.12 1.07 -12.41
C CYS A 177 -3.19 2.17 -12.87
N PRO A 178 -3.66 3.00 -13.80
CA PRO A 178 -2.81 4.05 -14.35
C PRO A 178 -2.35 5.06 -13.31
N ASP A 179 -3.09 5.21 -12.23
CA ASP A 179 -2.75 6.24 -11.26
C ASP A 179 -1.84 5.72 -10.15
N ALA A 180 -1.32 4.51 -10.28
CA ALA A 180 -0.38 3.95 -9.30
C ALA A 180 0.98 3.74 -9.94
N PHE A 181 2.04 3.90 -9.15
CA PHE A 181 3.38 3.56 -9.62
C PHE A 181 3.48 2.09 -10.00
N SER A 182 4.02 1.81 -11.18
CA SER A 182 4.13 0.43 -11.64
C SER A 182 5.56 -0.11 -11.64
N TYR A 183 6.55 0.77 -11.50
CA TYR A 183 7.94 0.39 -11.33
C TYR A 183 8.63 1.61 -10.74
N VAL A 184 9.86 1.44 -10.26
CA VAL A 184 10.52 2.49 -9.48
C VAL A 184 10.60 3.82 -10.22
N LEU A 185 10.94 3.78 -11.51
CA LEU A 185 11.13 5.02 -12.28
C LEU A 185 9.92 5.38 -13.16
N ASP A 186 8.76 4.88 -12.80
CA ASP A 186 7.53 5.25 -13.48
C ASP A 186 7.36 6.76 -13.39
N LYS A 187 6.78 7.36 -14.42
CA LYS A 187 6.42 8.77 -14.34
C LYS A 187 5.54 8.98 -13.11
N PRO A 188 5.95 9.89 -12.22
CA PRO A 188 5.21 10.00 -10.95
C PRO A 188 3.72 10.33 -11.11
N THR A 189 2.91 9.69 -10.27
CA THR A 189 1.48 9.94 -10.17
C THR A 189 1.16 10.43 -8.76
N THR A 190 2.17 10.99 -8.11
CA THR A 190 2.03 11.63 -6.82
C THR A 190 1.10 12.82 -6.89
N VAL A 191 0.22 12.95 -5.90
CA VAL A 191 -0.69 14.07 -5.77
C VAL A 191 -0.15 15.01 -4.70
N THR A 192 -0.10 16.29 -5.02
CA THR A 192 0.25 17.33 -4.07
C THR A 192 -0.98 17.85 -3.37
N CYS A 193 -1.00 17.73 -2.04
CA CYS A 193 -2.10 18.21 -1.24
C CYS A 193 -1.63 19.36 -0.36
N PRO A 194 -2.57 20.20 0.08
CA PRO A 194 -2.17 21.23 1.04
C PRO A 194 -1.52 20.60 2.26
N GLY A 195 -0.48 21.26 2.77
CA GLY A 195 0.16 20.76 3.97
C GLY A 195 -0.85 20.60 5.08
N SER A 196 -0.69 19.53 5.87
CA SER A 196 -1.51 19.25 7.05
C SER A 196 -2.93 18.79 6.71
N SER A 197 -3.11 18.17 5.55
CA SER A 197 -4.40 17.56 5.25
C SER A 197 -4.61 16.26 6.03
N ASN A 198 -5.85 15.78 6.02
CA ASN A 198 -6.19 14.48 6.58
C ASN A 198 -6.70 13.56 5.47
N TYR A 199 -6.76 12.27 5.75
CA TYR A 199 -6.94 11.26 4.69
C TYR A 199 -7.80 10.10 5.13
N ARG A 200 -8.30 9.37 4.12
CA ARG A 200 -9.03 8.13 4.32
C ARG A 200 -8.47 7.08 3.37
N VAL A 201 -8.12 5.92 3.92
CA VAL A 201 -7.68 4.77 3.13
C VAL A 201 -8.77 3.73 3.23
N THR A 202 -9.39 3.37 2.10
CA THR A 202 -10.46 2.39 2.08
C THR A 202 -10.00 1.13 1.36
N PHE A 203 -10.07 0.01 2.04
CA PHE A 203 -9.86 -1.29 1.40
C PHE A 203 -11.17 -1.76 0.81
N CYS A 204 -11.11 -2.24 -0.42
CA CYS A 204 -12.29 -2.69 -1.18
C CYS A 204 -13.33 -1.57 -1.36
N PRO A 205 -12.91 -0.45 -1.96
CA PRO A 205 -13.83 0.66 -2.22
C PRO A 205 -14.93 0.33 -3.23
N THR A 206 -16.01 1.10 -3.16
CA THR A 206 -17.17 0.99 -4.04
C THR A 206 -17.39 2.32 -4.78
N ALA A 207 -18.28 3.17 -4.25
CA ALA A 207 -18.53 4.49 -4.85
C ALA A 207 -17.27 5.34 -4.92
N1 MHA B . -13.27 -7.92 -2.95
C1 MHA B . -13.61 -9.32 -2.63
C2 MHA B . -14.14 -9.47 -1.22
O1 MHA B . -14.08 -8.47 -0.45
O2 MHA B . -14.62 -10.58 -0.91
C3 MHA B . -12.37 -7.91 -4.13
C4 MHA B . -10.95 -8.05 -3.66
O3 MHA B . -10.72 -8.14 -2.44
O4 MHA B . -10.05 -8.06 -4.54
C5 MHA B . -14.50 -7.14 -3.19
C6 MHA B . -14.26 -5.66 -3.37
O5 MHA B . -13.14 -5.14 -3.37
N2 MHA B . -15.35 -4.92 -3.53
#